data_4GL5
#
_entry.id   4GL5
#
_cell.length_a   140.329
_cell.length_b   140.329
_cell.length_c   118.733
_cell.angle_alpha   90.00
_cell.angle_beta   90.00
_cell.angle_gamma   120.00
#
_symmetry.space_group_name_H-M   'P 32 2 1'
#
loop_
_entity.id
_entity.type
_entity.pdbx_description
1 polymer 'Cytochrome P450 19A1'
2 non-polymer 'PROTOPORPHYRIN IX CONTAINING FE'
3 non-polymer (6alpha,8alpha)-6-(but-2-yn-1-yloxy)androsta-1,4-diene-3,17-dione
#
_entity_poly.entity_id   1
_entity_poly.type   'polypeptide(L)'
_entity_poly.pdbx_seq_one_letter_code
;MVLEMLNPIHYNITSIVPEAMPAATMPVLLLTGLFLLVWNYEGTSSIPGPGYCMGIGPLISHGRFLWMGIGSACNYYNRV
YGEFMRVWISGEETLIISKSSSMFHIMKHNHYSSRFGSKLGLQCIGMHEKGIIFNNNPELWKTTRPFFMKALSGPGLVRM
VTVCAESLKTHLDRLEEVTNESGYVDVLTLLRRVMLDTSNTLFLRIPLDESAIVVKIQGYFDAWQALLIKPDIFFKISWL
YKKYEKSVKDLKDAIEVLIAEKRRRISTEEKLEECMDFATELILAEKRGDLTRENVNQCILEMLIAAPDTMSVSLFFMLF
LIAKHPNVEEAIIKEIQTVIGERDIKIDDIQKLKVMENFIYESMRYQPVVDLVMRKALEDDVIDGYPVKKGTNIILNIGR
MHRLEFFPKPNEFTLENFAKNVPYRYFQPFGFGPRGCAGKYIAMVMMKAILVTLLRRFHVKTLQGQCVESIQKIHDLSLH
PDETKNMLEMIFTPRNSDRCLEH
;
_entity_poly.pdbx_strand_id   A
#
# COMPACT_ATOMS: atom_id res chain seq x y z
N SER A 45 -15.35 19.74 -23.97
CA SER A 45 -14.50 18.94 -24.91
C SER A 45 -15.10 17.58 -25.29
N SER A 46 -16.01 17.08 -24.45
CA SER A 46 -16.58 15.70 -24.55
C SER A 46 -15.54 14.60 -24.31
N ILE A 47 -16.03 13.41 -23.94
CA ILE A 47 -15.18 12.41 -23.30
C ILE A 47 -14.67 11.28 -24.21
N PRO A 48 -13.33 11.16 -24.39
CA PRO A 48 -12.77 10.06 -25.20
C PRO A 48 -13.10 8.70 -24.59
N GLY A 49 -13.13 7.65 -25.41
CA GLY A 49 -13.47 6.32 -24.92
C GLY A 49 -14.14 5.44 -25.95
N PRO A 50 -14.35 4.15 -25.62
CA PRO A 50 -14.94 3.20 -26.54
C PRO A 50 -16.44 3.46 -26.73
N GLY A 51 -17.00 2.84 -27.77
CA GLY A 51 -18.41 3.00 -28.08
C GLY A 51 -19.33 2.34 -27.07
N TYR A 52 -20.38 3.06 -26.72
CA TYR A 52 -21.49 2.52 -25.95
C TYR A 52 -22.40 1.81 -26.96
N CYS A 53 -22.03 0.58 -27.32
CA CYS A 53 -22.73 -0.17 -28.38
C CYS A 53 -24.10 -0.65 -27.94
N MET A 54 -24.92 0.30 -27.46
CA MET A 54 -26.26 0.05 -26.91
C MET A 54 -26.20 -1.08 -25.88
N GLY A 55 -25.47 -0.83 -24.79
CA GLY A 55 -25.35 -1.78 -23.69
C GLY A 55 -24.33 -2.88 -23.89
N ILE A 56 -23.53 -2.77 -24.94
CA ILE A 56 -22.46 -3.74 -25.19
C ILE A 56 -21.11 -3.20 -24.70
N GLY A 57 -20.92 -1.89 -24.87
CA GLY A 57 -19.73 -1.21 -24.35
C GLY A 57 -19.43 -1.58 -22.91
N PRO A 58 -20.29 -1.16 -21.97
CA PRO A 58 -20.18 -1.50 -20.55
C PRO A 58 -19.83 -2.96 -20.25
N LEU A 59 -20.26 -3.90 -21.09
CA LEU A 59 -19.99 -5.31 -20.84
C LEU A 59 -18.59 -5.73 -21.27
N ILE A 60 -18.13 -5.22 -22.41
CA ILE A 60 -16.79 -5.55 -22.87
C ILE A 60 -15.74 -4.94 -21.94
N SER A 61 -15.97 -3.69 -21.52
CA SER A 61 -14.98 -2.97 -20.72
C SER A 61 -14.85 -3.52 -19.31
N HIS A 62 -15.98 -3.73 -18.64
CA HIS A 62 -15.98 -4.37 -17.34
C HIS A 62 -15.32 -5.73 -17.51
N GLY A 63 -15.83 -6.51 -18.44
CA GLY A 63 -15.29 -7.84 -18.75
C GLY A 63 -13.78 -7.82 -18.96
N ARG A 64 -13.28 -6.75 -19.58
CA ARG A 64 -11.86 -6.57 -19.79
C ARG A 64 -11.10 -6.51 -18.47
N PHE A 65 -11.61 -5.68 -17.57
CA PHE A 65 -11.02 -5.49 -16.24
C PHE A 65 -10.92 -6.81 -15.48
N LEU A 66 -11.98 -7.59 -15.50
CA LEU A 66 -12.02 -8.86 -14.78
C LEU A 66 -11.01 -9.86 -15.33
N TRP A 67 -10.82 -9.85 -16.64
CA TRP A 67 -9.88 -10.76 -17.30
C TRP A 67 -8.45 -10.22 -17.23
N MET A 68 -8.30 -8.92 -17.50
CA MET A 68 -6.99 -8.32 -17.54
C MET A 68 -6.38 -8.08 -16.18
N GLY A 69 -7.15 -7.47 -15.29
CA GLY A 69 -6.63 -7.01 -14.00
C GLY A 69 -6.72 -5.50 -13.95
N ILE A 70 -7.39 -5.00 -12.92
CA ILE A 70 -7.69 -3.57 -12.79
C ILE A 70 -6.48 -2.72 -13.18
N GLY A 71 -5.30 -3.16 -12.77
CA GLY A 71 -4.06 -2.46 -13.09
C GLY A 71 -3.79 -2.31 -14.56
N SER A 72 -3.72 -3.42 -15.28
CA SER A 72 -3.35 -3.43 -16.69
C SER A 72 -4.44 -2.89 -17.60
N ALA A 73 -5.71 -3.09 -17.22
CA ALA A 73 -6.83 -2.54 -17.98
C ALA A 73 -6.73 -1.02 -18.14
N CYS A 74 -6.34 -0.35 -17.07
CA CYS A 74 -6.10 1.09 -17.09
C CYS A 74 -4.93 1.43 -18.00
N ASN A 75 -3.81 0.74 -17.80
CA ASN A 75 -2.64 0.94 -18.63
C ASN A 75 -2.94 0.68 -20.10
N TYR A 76 -3.90 -0.21 -20.34
CA TYR A 76 -4.35 -0.51 -21.70
C TYR A 76 -5.17 0.65 -22.25
N TYR A 77 -6.26 1.00 -21.57
CA TYR A 77 -7.20 2.00 -22.06
C TYR A 77 -6.62 3.41 -22.20
N ASN A 78 -5.63 3.72 -21.36
CA ASN A 78 -4.91 4.98 -21.45
C ASN A 78 -4.10 5.04 -22.74
N ARG A 79 -3.40 3.94 -23.03
CA ARG A 79 -2.55 3.81 -24.21
C ARG A 79 -3.38 3.97 -25.49
N VAL A 80 -4.45 3.17 -25.61
CA VAL A 80 -5.31 3.14 -26.80
C VAL A 80 -6.04 4.47 -27.05
N TYR A 81 -6.70 4.99 -26.02
CA TYR A 81 -7.42 6.26 -26.11
C TYR A 81 -6.57 7.41 -25.55
N GLY A 82 -7.21 8.44 -25.00
CA GLY A 82 -6.47 9.53 -24.36
C GLY A 82 -5.90 9.21 -22.98
N GLU A 83 -5.21 10.19 -22.40
CA GLU A 83 -4.76 10.09 -21.01
C GLU A 83 -5.85 10.62 -20.09
N PHE A 84 -7.09 10.29 -20.45
CA PHE A 84 -8.30 10.77 -19.81
C PHE A 84 -9.39 10.20 -20.68
N MET A 85 -10.16 9.27 -20.13
CA MET A 85 -11.15 8.57 -20.93
C MET A 85 -12.21 7.83 -20.10
N ARG A 86 -13.30 7.43 -20.74
CA ARG A 86 -14.45 6.87 -20.04
C ARG A 86 -14.57 5.39 -20.34
N VAL A 87 -14.88 4.63 -19.31
CA VAL A 87 -15.13 3.20 -19.39
C VAL A 87 -16.31 2.90 -18.47
N TRP A 88 -16.69 1.63 -18.33
CA TRP A 88 -17.71 1.23 -17.36
C TRP A 88 -17.28 0.05 -16.51
N ILE A 89 -17.29 0.25 -15.21
CA ILE A 89 -17.18 -0.83 -14.25
C ILE A 89 -18.55 -0.88 -13.61
N SER A 90 -19.13 -2.08 -13.60
CA SER A 90 -20.57 -2.25 -13.45
C SER A 90 -21.31 -1.27 -14.37
N GLY A 91 -22.51 -0.84 -13.96
CA GLY A 91 -23.27 0.13 -14.75
C GLY A 91 -22.54 1.46 -14.80
N GLU A 92 -22.13 1.92 -13.61
CA GLU A 92 -21.58 3.26 -13.40
C GLU A 92 -20.40 3.64 -14.29
N GLU A 93 -20.49 4.85 -14.84
CA GLU A 93 -19.45 5.43 -15.69
C GLU A 93 -18.21 5.63 -14.86
N THR A 94 -17.05 5.41 -15.46
CA THR A 94 -15.79 5.54 -14.72
C THR A 94 -14.62 6.07 -15.56
N LEU A 95 -14.02 7.15 -15.09
CA LEU A 95 -12.87 7.77 -15.74
C LEU A 95 -11.58 7.11 -15.34
N ILE A 96 -10.63 7.08 -16.28
CA ILE A 96 -9.25 6.66 -15.98
C ILE A 96 -8.25 7.68 -16.55
N ILE A 97 -7.53 8.34 -15.64
CA ILE A 97 -6.73 9.52 -15.95
C ILE A 97 -5.27 9.33 -15.60
N SER A 98 -4.38 9.68 -16.52
CA SER A 98 -2.95 9.76 -16.19
C SER A 98 -2.35 11.14 -16.47
N LYS A 99 -3.23 12.12 -16.71
CA LYS A 99 -2.81 13.51 -16.85
C LYS A 99 -2.50 14.08 -15.47
N SER A 100 -1.27 14.55 -15.29
CA SER A 100 -0.86 15.13 -14.01
C SER A 100 -1.78 16.22 -13.48
N SER A 101 -2.27 17.08 -14.38
CA SER A 101 -3.17 18.19 -14.04
C SER A 101 -4.51 17.73 -13.47
N SER A 102 -5.10 16.71 -14.07
CA SER A 102 -6.34 16.11 -13.59
C SER A 102 -6.09 15.48 -12.25
N MET A 103 -5.06 14.63 -12.21
CA MET A 103 -4.63 13.98 -11.00
C MET A 103 -4.57 15.01 -9.88
N PHE A 104 -3.80 16.08 -10.09
CA PHE A 104 -3.58 17.08 -9.04
C PHE A 104 -4.86 17.77 -8.57
N HIS A 105 -5.74 18.07 -9.52
CA HIS A 105 -7.02 18.70 -9.24
C HIS A 105 -7.82 17.80 -8.31
N ILE A 106 -7.92 16.52 -8.69
CA ILE A 106 -8.72 15.54 -7.97
C ILE A 106 -8.28 15.44 -6.50
N MET A 107 -7.05 15.02 -6.26
CA MET A 107 -6.56 14.75 -4.92
C MET A 107 -6.57 15.99 -4.02
N LYS A 108 -6.50 17.16 -4.64
CA LYS A 108 -6.48 18.44 -3.92
C LYS A 108 -7.84 18.78 -3.27
N HIS A 109 -8.90 18.75 -4.08
CA HIS A 109 -10.23 19.20 -3.65
C HIS A 109 -10.94 18.24 -2.71
N ASN A 110 -11.75 18.80 -1.81
CA ASN A 110 -12.48 17.99 -0.84
C ASN A 110 -13.65 17.16 -1.37
N HIS A 111 -14.15 17.51 -2.55
CA HIS A 111 -15.27 16.77 -3.14
C HIS A 111 -14.84 15.56 -3.99
N TYR A 112 -13.67 14.99 -3.67
CA TYR A 112 -13.19 13.74 -4.29
C TYR A 112 -12.73 12.72 -3.24
N SER A 113 -12.95 13.07 -1.98
CA SER A 113 -12.52 12.28 -0.83
C SER A 113 -13.36 11.02 -0.62
N SER A 114 -13.55 10.23 -1.67
CA SER A 114 -14.28 8.97 -1.58
C SER A 114 -13.74 8.03 -2.61
N ARG A 115 -13.75 6.74 -2.31
CA ARG A 115 -13.38 5.75 -3.30
C ARG A 115 -14.63 5.03 -3.80
N PHE A 116 -14.46 3.91 -4.47
CA PHE A 116 -15.59 3.14 -4.96
C PHE A 116 -15.30 1.64 -5.02
N GLY A 117 -16.32 0.87 -5.40
CA GLY A 117 -16.21 -0.58 -5.49
C GLY A 117 -17.49 -1.26 -5.09
N SER A 118 -17.60 -2.54 -5.44
CA SER A 118 -18.82 -3.32 -5.19
C SER A 118 -19.27 -3.26 -3.75
N LYS A 119 -20.45 -2.68 -3.51
CA LYS A 119 -21.05 -2.67 -2.17
C LYS A 119 -21.17 -4.09 -1.58
N LEU A 120 -21.24 -5.09 -2.46
CA LEU A 120 -21.31 -6.49 -2.03
C LEU A 120 -19.94 -7.03 -1.70
N GLY A 121 -18.94 -6.61 -2.45
CA GLY A 121 -17.56 -7.02 -2.22
C GLY A 121 -16.94 -6.35 -1.00
N LEU A 122 -17.24 -5.07 -0.83
CA LEU A 122 -16.71 -4.31 0.29
C LEU A 122 -17.35 -4.76 1.59
N GLN A 123 -18.63 -5.14 1.52
CA GLN A 123 -19.36 -5.65 2.68
C GLN A 123 -18.80 -6.99 3.12
N CYS A 124 -18.29 -7.71 2.13
CA CYS A 124 -17.87 -9.08 2.31
C CYS A 124 -16.54 -9.16 3.03
N ILE A 125 -15.64 -8.24 2.71
CA ILE A 125 -14.32 -8.15 3.36
C ILE A 125 -14.37 -7.25 4.59
N GLY A 126 -15.52 -6.61 4.79
CA GLY A 126 -15.78 -5.81 5.99
C GLY A 126 -15.40 -4.35 5.90
N MET A 127 -15.07 -3.88 4.69
CA MET A 127 -14.66 -2.49 4.51
C MET A 127 -15.80 -1.57 4.08
N HIS A 128 -17.02 -2.12 3.92
CA HIS A 128 -18.18 -1.31 3.52
C HIS A 128 -18.65 -0.41 4.65
N GLU A 129 -18.32 0.87 4.51
CA GLU A 129 -18.57 1.90 5.52
C GLU A 129 -18.01 1.53 6.88
N LYS A 130 -16.84 0.90 6.89
CA LYS A 130 -16.24 0.52 8.15
C LYS A 130 -14.79 0.95 8.32
N GLY A 131 -13.95 0.73 7.31
CA GLY A 131 -12.52 1.01 7.53
C GLY A 131 -12.20 2.47 7.48
N ILE A 132 -11.06 2.78 6.87
CA ILE A 132 -10.92 4.05 6.18
C ILE A 132 -10.44 3.81 4.76
N ILE A 133 -9.65 2.76 4.54
CA ILE A 133 -9.02 2.52 3.24
C ILE A 133 -10.08 2.59 2.14
N PHE A 134 -11.17 1.84 2.34
CA PHE A 134 -12.29 1.86 1.41
C PHE A 134 -13.62 2.30 2.03
N ASN A 135 -13.53 3.08 3.11
CA ASN A 135 -14.73 3.66 3.70
C ASN A 135 -15.26 4.79 2.82
N ASN A 136 -16.44 4.56 2.25
CA ASN A 136 -17.01 5.51 1.31
C ASN A 136 -18.06 6.44 1.91
N ASN A 137 -18.43 6.19 3.16
CA ASN A 137 -19.33 7.07 3.87
C ASN A 137 -18.56 8.29 4.32
N PRO A 138 -18.79 9.44 3.68
CA PRO A 138 -17.91 10.61 3.84
C PRO A 138 -17.91 11.22 5.24
N GLU A 139 -18.98 11.03 6.00
CA GLU A 139 -19.02 11.51 7.38
C GLU A 139 -18.37 10.48 8.27
N LEU A 140 -18.70 9.21 8.06
CA LEU A 140 -18.15 8.11 8.85
C LEU A 140 -16.68 7.86 8.55
N TRP A 141 -16.23 8.22 7.34
CA TRP A 141 -14.81 8.19 6.99
C TRP A 141 -14.12 9.35 7.66
N LYS A 142 -14.78 10.51 7.62
CA LYS A 142 -14.25 11.75 8.18
C LYS A 142 -13.90 11.62 9.65
N THR A 143 -14.72 10.88 10.39
CA THR A 143 -14.53 10.77 11.84
C THR A 143 -13.59 9.65 12.26
N THR A 144 -13.13 8.86 11.29
CA THR A 144 -12.27 7.72 11.59
C THR A 144 -10.83 7.99 11.21
N ARG A 145 -10.65 8.70 10.09
CA ARG A 145 -9.34 9.09 9.61
C ARG A 145 -8.47 9.78 10.68
N PRO A 146 -9.04 10.71 11.48
CA PRO A 146 -8.25 11.35 12.53
C PRO A 146 -7.43 10.37 13.38
N PHE A 147 -8.03 9.21 13.69
CA PHE A 147 -7.39 8.20 14.54
C PHE A 147 -6.16 7.60 13.89
N PHE A 148 -6.22 7.36 12.59
CA PHE A 148 -5.06 6.89 11.85
C PHE A 148 -4.08 8.01 11.73
N MET A 149 -4.58 9.22 11.46
CA MET A 149 -3.74 10.35 11.18
C MET A 149 -2.88 10.70 12.37
N LYS A 150 -3.44 10.52 13.56
CA LYS A 150 -2.73 10.84 14.79
C LYS A 150 -1.65 9.81 15.10
N ALA A 151 -2.02 8.52 15.04
CA ALA A 151 -1.12 7.41 15.36
C ALA A 151 0.07 7.25 14.39
N LEU A 152 -0.08 7.81 13.19
CA LEU A 152 0.92 7.71 12.11
C LEU A 152 1.74 9.00 11.92
N SER A 153 1.89 9.78 12.99
CA SER A 153 2.66 11.03 12.99
C SER A 153 3.15 11.40 14.40
N GLY A 154 3.92 12.48 14.49
CA GLY A 154 4.34 13.03 15.79
C GLY A 154 5.23 12.11 16.61
N PRO A 155 4.72 11.61 17.76
CA PRO A 155 5.57 10.78 18.63
C PRO A 155 5.71 9.33 18.15
N GLY A 156 4.70 8.86 17.40
CA GLY A 156 4.69 7.50 16.86
C GLY A 156 5.67 7.30 15.71
N LEU A 157 5.93 8.38 14.99
CA LEU A 157 6.87 8.32 13.89
C LEU A 157 8.29 8.38 14.44
N VAL A 158 8.44 8.97 15.62
CA VAL A 158 9.73 8.94 16.33
C VAL A 158 9.98 7.54 16.93
N ARG A 159 8.94 6.96 17.54
CA ARG A 159 9.01 5.59 18.07
C ARG A 159 9.34 4.59 16.98
N MET A 160 8.79 4.81 15.79
CA MET A 160 8.86 3.86 14.69
C MET A 160 10.28 3.59 14.23
N VAL A 161 11.04 4.66 14.02
CA VAL A 161 12.39 4.53 13.46
C VAL A 161 13.24 3.51 14.22
N THR A 162 13.05 3.42 15.53
CA THR A 162 13.78 2.48 16.35
C THR A 162 13.02 1.17 16.55
N VAL A 163 11.69 1.22 16.50
CA VAL A 163 10.88 0.01 16.60
C VAL A 163 11.12 -0.85 15.36
N CYS A 164 11.25 -0.19 14.20
CA CYS A 164 11.62 -0.82 12.93
C CYS A 164 12.99 -1.48 12.97
N ALA A 165 13.94 -0.79 13.58
CA ALA A 165 15.29 -1.29 13.71
C ALA A 165 15.31 -2.54 14.57
N GLU A 166 14.84 -2.42 15.82
CA GLU A 166 14.93 -3.56 16.76
C GLU A 166 14.12 -4.75 16.27
N SER A 167 13.06 -4.48 15.51
CA SER A 167 12.14 -5.51 15.02
C SER A 167 12.64 -6.15 13.72
N LEU A 168 13.66 -5.58 13.12
CA LEU A 168 14.30 -6.19 11.96
C LEU A 168 15.55 -6.93 12.40
N LYS A 169 16.28 -6.35 13.36
CA LYS A 169 17.45 -6.99 13.95
C LYS A 169 17.08 -8.35 14.50
N THR A 170 16.01 -8.39 15.29
CA THR A 170 15.55 -9.63 15.89
C THR A 170 15.38 -10.72 14.84
N HIS A 171 14.74 -10.38 13.72
CA HIS A 171 14.47 -11.34 12.65
C HIS A 171 15.66 -11.65 11.76
N LEU A 172 16.72 -10.87 11.88
CA LEU A 172 17.94 -11.11 11.11
C LEU A 172 18.95 -11.98 11.87
N ASP A 173 18.67 -12.25 13.14
CA ASP A 173 19.43 -13.26 13.89
C ASP A 173 18.51 -14.46 13.98
N ARG A 174 17.90 -14.78 12.86
CA ARG A 174 16.78 -15.70 12.81
C ARG A 174 16.54 -16.11 11.37
N LEU A 175 17.55 -15.95 10.52
CA LEU A 175 17.41 -16.31 9.11
C LEU A 175 17.11 -17.80 8.91
N GLU A 176 17.33 -18.58 9.97
CA GLU A 176 17.00 -19.99 10.00
C GLU A 176 15.53 -20.24 9.72
N GLU A 177 14.73 -19.17 9.77
CA GLU A 177 13.27 -19.22 9.70
C GLU A 177 12.74 -19.01 8.29
N VAL A 178 13.64 -18.64 7.40
CA VAL A 178 13.30 -18.07 6.11
C VAL A 178 14.26 -18.55 5.02
N THR A 179 15.41 -19.07 5.43
CA THR A 179 16.48 -19.45 4.49
C THR A 179 16.42 -20.90 4.01
N ASN A 180 16.52 -21.05 2.70
CA ASN A 180 16.64 -22.34 2.03
C ASN A 180 17.92 -23.04 2.43
N GLU A 181 17.98 -24.35 2.20
CA GLU A 181 19.23 -25.10 2.33
C GLU A 181 20.33 -24.53 1.44
N SER A 182 19.98 -24.15 0.21
CA SER A 182 20.95 -23.63 -0.76
C SER A 182 21.24 -22.13 -0.57
N GLY A 183 20.89 -21.61 0.61
CA GLY A 183 21.15 -20.21 0.96
C GLY A 183 20.08 -19.22 0.53
N TYR A 184 19.00 -19.70 -0.09
CA TYR A 184 17.98 -18.82 -0.63
C TYR A 184 17.05 -18.31 0.45
N VAL A 185 17.02 -16.99 0.65
CA VAL A 185 16.05 -16.42 1.61
C VAL A 185 14.73 -16.04 0.95
N ASP A 186 13.67 -16.17 1.74
CA ASP A 186 12.30 -15.92 1.32
C ASP A 186 11.99 -14.45 1.63
N VAL A 187 12.61 -13.54 0.89
CA VAL A 187 12.55 -12.13 1.22
C VAL A 187 11.14 -11.68 1.57
N LEU A 188 10.19 -11.91 0.68
CA LEU A 188 8.79 -11.53 0.91
C LEU A 188 8.33 -11.84 2.33
N THR A 189 8.39 -13.11 2.71
CA THR A 189 7.94 -13.58 4.01
C THR A 189 8.69 -12.87 5.14
N LEU A 190 10.02 -12.82 5.04
CA LEU A 190 10.80 -12.10 6.03
C LEU A 190 10.21 -10.72 6.26
N LEU A 191 10.09 -9.96 5.18
CA LEU A 191 9.59 -8.59 5.24
C LEU A 191 8.22 -8.52 5.92
N ARG A 192 7.27 -9.29 5.39
CA ARG A 192 5.94 -9.31 5.95
C ARG A 192 5.94 -9.48 7.47
N ARG A 193 6.77 -10.40 7.97
CA ARG A 193 6.82 -10.67 9.41
C ARG A 193 7.33 -9.49 10.22
N VAL A 194 8.41 -8.86 9.77
CA VAL A 194 8.97 -7.72 10.48
C VAL A 194 8.05 -6.52 10.36
N MET A 195 7.35 -6.43 9.23
CA MET A 195 6.35 -5.40 8.99
C MET A 195 5.14 -5.55 9.91
N LEU A 196 4.69 -6.80 10.09
CA LEU A 196 3.57 -7.07 10.96
C LEU A 196 3.99 -6.96 12.41
N ASP A 197 5.21 -7.38 12.69
CA ASP A 197 5.78 -7.26 14.03
C ASP A 197 5.92 -5.79 14.41
N THR A 198 6.36 -4.99 13.45
CA THR A 198 6.50 -3.56 13.62
C THR A 198 5.16 -2.90 13.89
N SER A 199 4.16 -3.23 13.06
CA SER A 199 2.81 -2.68 13.21
C SER A 199 2.21 -3.03 14.56
N ASN A 200 2.39 -4.28 14.99
CA ASN A 200 1.95 -4.73 16.30
C ASN A 200 2.56 -3.90 17.43
N THR A 201 3.89 -3.88 17.51
CA THR A 201 4.56 -3.18 18.61
C THR A 201 4.23 -1.68 18.69
N LEU A 202 3.86 -1.08 17.57
CA LEU A 202 3.53 0.33 17.60
C LEU A 202 2.06 0.59 17.90
N PHE A 203 1.16 -0.07 17.16
CA PHE A 203 -0.26 0.26 17.17
C PHE A 203 -1.13 -0.60 18.07
N LEU A 204 -0.69 -1.81 18.39
CA LEU A 204 -1.52 -2.75 19.15
C LEU A 204 -0.85 -3.31 20.40
N ARG A 205 0.42 -3.67 20.25
CA ARG A 205 1.20 -4.39 21.27
C ARG A 205 0.42 -5.44 22.08
N ILE A 206 0.10 -6.55 21.41
CA ILE A 206 -0.45 -7.75 22.03
C ILE A 206 0.24 -8.94 21.38
N PRO A 207 0.91 -9.80 22.18
CA PRO A 207 1.52 -11.05 21.74
C PRO A 207 0.70 -11.81 20.68
N LEU A 208 1.32 -12.12 19.54
CA LEU A 208 0.65 -12.86 18.48
C LEU A 208 1.62 -13.74 17.70
N ASP A 209 1.05 -14.65 16.89
CA ASP A 209 1.86 -15.54 16.06
C ASP A 209 2.07 -14.94 14.67
N GLU A 210 3.18 -14.24 14.48
CA GLU A 210 3.48 -13.61 13.19
C GLU A 210 3.32 -14.62 12.06
N SER A 211 4.11 -15.70 12.13
CA SER A 211 4.05 -16.79 11.16
C SER A 211 2.66 -16.98 10.57
N ALA A 212 1.68 -17.23 11.45
CA ALA A 212 0.32 -17.57 11.05
C ALA A 212 -0.50 -16.37 10.55
N ILE A 213 -0.37 -15.21 11.19
CA ILE A 213 -1.15 -14.02 10.82
C ILE A 213 -0.78 -13.54 9.42
N VAL A 214 0.50 -13.60 9.09
CA VAL A 214 0.98 -13.22 7.76
C VAL A 214 0.22 -13.97 6.66
N VAL A 215 0.17 -15.30 6.75
CA VAL A 215 -0.50 -16.10 5.72
C VAL A 215 -1.96 -15.68 5.61
N LYS A 216 -2.56 -15.34 6.74
CA LYS A 216 -3.95 -14.89 6.77
C LYS A 216 -4.14 -13.52 6.13
N ILE A 217 -3.27 -12.57 6.49
CA ILE A 217 -3.28 -11.24 5.88
C ILE A 217 -3.22 -11.38 4.37
N GLN A 218 -2.42 -12.32 3.89
CA GLN A 218 -2.33 -12.56 2.46
C GLN A 218 -3.68 -12.98 1.88
N GLY A 219 -4.29 -13.97 2.52
CA GLY A 219 -5.62 -14.46 2.14
C GLY A 219 -6.66 -13.35 2.09
N TYR A 220 -6.61 -12.47 3.10
CA TYR A 220 -7.46 -11.29 3.15
C TYR A 220 -7.22 -10.39 1.95
N PHE A 221 -5.96 -10.09 1.65
CA PHE A 221 -5.69 -9.26 0.51
C PHE A 221 -6.18 -9.92 -0.75
N ASP A 222 -5.77 -11.18 -0.94
CA ASP A 222 -6.21 -11.97 -2.09
C ASP A 222 -7.70 -11.80 -2.35
N ALA A 223 -8.48 -11.87 -1.27
CA ALA A 223 -9.94 -11.77 -1.30
C ALA A 223 -10.42 -10.35 -1.63
N TRP A 224 -10.03 -9.40 -0.80
CA TRP A 224 -10.25 -7.96 -1.04
C TRP A 224 -10.03 -7.63 -2.51
N GLN A 225 -8.90 -8.07 -3.02
CA GLN A 225 -8.53 -7.79 -4.37
C GLN A 225 -9.43 -8.49 -5.39
N ALA A 226 -9.88 -9.69 -5.05
CA ALA A 226 -10.75 -10.49 -5.93
C ALA A 226 -12.14 -9.89 -6.08
N LEU A 227 -12.69 -9.41 -4.96
CA LEU A 227 -14.08 -9.00 -4.88
C LEU A 227 -14.35 -7.49 -5.06
N LEU A 228 -13.30 -6.68 -5.13
CA LEU A 228 -13.48 -5.23 -5.16
C LEU A 228 -14.44 -4.79 -6.25
N ILE A 229 -14.34 -5.40 -7.42
CA ILE A 229 -15.18 -4.98 -8.56
C ILE A 229 -15.93 -6.10 -9.31
N LYS A 230 -16.21 -7.21 -8.62
CA LYS A 230 -17.04 -8.27 -9.19
C LYS A 230 -18.50 -7.81 -9.31
N PRO A 231 -19.09 -7.90 -10.52
CA PRO A 231 -20.47 -7.48 -10.77
C PRO A 231 -21.45 -8.38 -10.02
N ASP A 232 -22.61 -7.82 -9.67
CA ASP A 232 -23.50 -8.45 -8.70
C ASP A 232 -23.93 -9.90 -9.01
N ILE A 233 -24.09 -10.21 -10.30
CA ILE A 233 -24.40 -11.58 -10.78
C ILE A 233 -23.49 -12.61 -10.10
N PHE A 234 -22.23 -12.23 -9.89
CA PHE A 234 -21.19 -13.06 -9.29
C PHE A 234 -21.54 -13.50 -7.86
N PHE A 235 -22.24 -12.64 -7.13
CA PHE A 235 -22.54 -12.90 -5.72
C PHE A 235 -23.75 -13.80 -5.51
N LYS A 236 -24.57 -13.96 -6.54
CA LYS A 236 -25.70 -14.88 -6.50
C LYS A 236 -25.19 -16.31 -6.43
N ILE A 237 -24.39 -16.71 -7.42
CA ILE A 237 -23.84 -18.08 -7.53
C ILE A 237 -22.76 -18.34 -6.48
N SER A 238 -23.23 -18.75 -5.31
CA SER A 238 -22.48 -18.65 -4.04
C SER A 238 -21.24 -19.54 -3.84
N TRP A 239 -21.22 -20.72 -4.48
CA TRP A 239 -20.07 -21.61 -4.40
C TRP A 239 -18.87 -21.06 -5.20
N LEU A 240 -18.95 -19.77 -5.56
CA LEU A 240 -17.96 -19.11 -6.41
C LEU A 240 -17.12 -18.09 -5.65
N TYR A 241 -17.49 -17.82 -4.39
CA TYR A 241 -16.71 -16.91 -3.55
C TYR A 241 -16.55 -17.40 -2.11
N LYS A 242 -17.04 -18.59 -1.82
CA LYS A 242 -16.92 -19.16 -0.47
C LYS A 242 -15.47 -19.20 0.00
N LYS A 243 -14.54 -19.43 -0.93
CA LYS A 243 -13.10 -19.40 -0.62
C LYS A 243 -12.76 -18.06 0.03
N TYR A 244 -13.14 -16.98 -0.65
CA TYR A 244 -12.86 -15.62 -0.23
C TYR A 244 -13.58 -15.24 1.07
N GLU A 245 -14.79 -15.77 1.22
CA GLU A 245 -15.58 -15.56 2.43
C GLU A 245 -14.93 -16.24 3.64
N LYS A 246 -14.14 -17.28 3.38
CA LYS A 246 -13.51 -18.04 4.46
C LYS A 246 -12.13 -17.47 4.84
N SER A 247 -11.44 -16.86 3.88
CA SER A 247 -10.15 -16.20 4.13
C SER A 247 -10.33 -14.92 4.95
N VAL A 248 -11.46 -14.24 4.75
CA VAL A 248 -11.83 -13.07 5.54
C VAL A 248 -12.08 -13.49 6.98
N LYS A 249 -12.98 -14.45 7.16
CA LYS A 249 -13.33 -14.96 8.49
C LYS A 249 -12.08 -15.36 9.28
N ASP A 250 -11.15 -16.03 8.61
CA ASP A 250 -9.88 -16.46 9.21
C ASP A 250 -9.12 -15.31 9.89
N LEU A 251 -8.86 -14.23 9.15
CA LEU A 251 -8.16 -13.09 9.70
C LEU A 251 -9.00 -12.37 10.76
N LYS A 252 -10.26 -12.16 10.45
CA LYS A 252 -11.18 -11.48 11.36
C LYS A 252 -11.30 -12.22 12.69
N ASP A 253 -11.44 -13.55 12.64
CA ASP A 253 -11.55 -14.38 13.84
C ASP A 253 -10.27 -14.39 14.64
N ALA A 254 -9.15 -14.36 13.94
CA ALA A 254 -7.83 -14.29 14.56
C ALA A 254 -7.59 -12.95 15.24
N ILE A 255 -8.16 -11.89 14.71
CA ILE A 255 -8.00 -10.55 15.27
C ILE A 255 -9.00 -10.25 16.40
N GLU A 256 -10.24 -10.73 16.28
CA GLU A 256 -11.21 -10.62 17.38
C GLU A 256 -10.67 -11.19 18.68
N VAL A 257 -9.81 -12.21 18.56
CA VAL A 257 -9.07 -12.82 19.69
C VAL A 257 -8.04 -11.84 20.26
N LEU A 258 -7.41 -11.09 19.36
CA LEU A 258 -6.40 -10.11 19.72
C LEU A 258 -7.02 -8.88 20.39
N ILE A 259 -8.05 -8.30 19.79
CA ILE A 259 -8.70 -7.12 20.37
C ILE A 259 -9.41 -7.48 21.67
N ALA A 260 -9.83 -8.74 21.82
CA ALA A 260 -10.47 -9.18 23.04
C ALA A 260 -9.49 -9.07 24.21
N GLU A 261 -8.25 -9.51 23.99
CA GLU A 261 -7.21 -9.42 25.02
C GLU A 261 -6.77 -7.97 25.22
N LYS A 262 -6.75 -7.18 24.17
CA LYS A 262 -6.41 -5.77 24.30
C LYS A 262 -7.42 -5.03 25.17
N ARG A 263 -8.69 -5.43 25.13
CA ARG A 263 -9.74 -4.80 25.94
C ARG A 263 -9.60 -5.11 27.43
N ARG A 264 -9.24 -6.35 27.74
CA ARG A 264 -8.97 -6.75 29.12
C ARG A 264 -7.87 -5.90 29.73
N ARG A 265 -6.79 -5.73 28.97
CA ARG A 265 -5.63 -5.03 29.48
C ARG A 265 -5.86 -3.54 29.74
N ILE A 266 -6.93 -2.97 29.19
CA ILE A 266 -7.24 -1.58 29.50
C ILE A 266 -8.22 -1.47 30.65
N SER A 267 -9.13 -2.45 30.75
CA SER A 267 -10.09 -2.49 31.84
C SER A 267 -9.47 -2.81 33.21
N THR A 268 -8.17 -3.16 33.21
CA THR A 268 -7.39 -3.35 34.46
C THR A 268 -6.11 -2.53 34.36
N GLU A 269 -6.25 -1.20 34.50
CA GLU A 269 -5.22 -0.28 34.05
C GLU A 269 -4.21 0.27 35.09
N GLU A 270 -2.95 0.33 34.65
CA GLU A 270 -1.84 0.95 35.37
C GLU A 270 -1.84 2.49 35.16
N LYS A 271 -2.97 3.14 35.45
CA LYS A 271 -3.23 4.57 35.17
C LYS A 271 -3.24 4.90 33.65
N LEU A 272 -4.44 5.24 33.15
CA LEU A 272 -4.78 5.23 31.71
C LEU A 272 -3.74 5.82 30.73
N GLU A 273 -3.71 7.14 30.62
CA GLU A 273 -3.05 7.90 29.53
C GLU A 273 -1.51 7.86 29.51
N GLU A 274 -0.92 6.88 30.18
CA GLU A 274 0.54 6.75 30.20
C GLU A 274 1.12 6.17 28.91
N CYS A 275 0.29 5.42 28.18
CA CYS A 275 0.72 4.62 27.03
C CYS A 275 -0.41 4.51 25.99
N MET A 276 -0.58 5.57 25.20
CA MET A 276 -1.76 5.72 24.35
C MET A 276 -1.54 5.31 22.90
N ASP A 277 -1.58 4.01 22.66
CA ASP A 277 -1.43 3.47 21.31
C ASP A 277 -2.71 3.64 20.50
N PHE A 278 -2.59 3.51 19.17
CA PHE A 278 -3.73 3.53 18.25
C PHE A 278 -4.91 2.69 18.72
N ALA A 279 -4.66 1.42 19.01
CA ALA A 279 -5.71 0.49 19.41
C ALA A 279 -6.50 0.96 20.63
N THR A 280 -5.83 1.52 21.61
CA THR A 280 -6.50 2.04 22.79
C THR A 280 -7.33 3.28 22.44
N GLU A 281 -6.68 4.28 21.84
CA GLU A 281 -7.36 5.51 21.42
C GLU A 281 -8.74 5.23 20.87
N LEU A 282 -8.84 4.21 20.04
CA LEU A 282 -10.09 3.75 19.48
C LEU A 282 -11.03 3.17 20.53
N ILE A 283 -10.56 2.16 21.26
CA ILE A 283 -11.39 1.47 22.25
C ILE A 283 -11.94 2.44 23.30
N LEU A 284 -11.16 3.44 23.66
CA LEU A 284 -11.63 4.49 24.58
C LEU A 284 -12.70 5.37 23.94
N ALA A 285 -12.54 5.68 22.66
CA ALA A 285 -13.54 6.43 21.90
C ALA A 285 -14.85 5.65 21.71
N GLU A 286 -14.76 4.32 21.62
CA GLU A 286 -15.93 3.43 21.54
C GLU A 286 -16.71 3.46 22.85
N LYS A 287 -15.95 3.44 23.95
CA LYS A 287 -16.50 3.53 25.30
C LYS A 287 -16.78 4.98 25.71
N ARG A 288 -16.67 5.89 24.75
CA ARG A 288 -17.42 7.13 24.85
C ARG A 288 -18.68 6.81 24.04
N GLY A 289 -18.68 7.12 22.76
CA GLY A 289 -19.77 6.68 21.90
C GLY A 289 -19.60 7.29 20.53
N ASP A 290 -18.36 7.27 20.04
CA ASP A 290 -18.00 7.87 18.76
C ASP A 290 -17.86 6.81 17.69
N LEU A 291 -17.58 5.58 18.10
CA LEU A 291 -17.32 4.47 17.18
C LEU A 291 -18.14 3.26 17.58
N THR A 292 -18.57 2.49 16.59
CA THR A 292 -19.20 1.18 16.82
C THR A 292 -18.10 0.17 17.13
N ARG A 293 -18.37 -0.78 18.03
CA ARG A 293 -17.39 -1.85 18.26
C ARG A 293 -16.95 -2.44 16.92
N GLU A 294 -17.92 -2.79 16.08
CA GLU A 294 -17.66 -3.31 14.73
C GLU A 294 -16.65 -2.45 13.96
N ASN A 295 -16.92 -1.15 13.93
CA ASN A 295 -16.09 -0.14 13.24
C ASN A 295 -14.65 -0.11 13.77
N VAL A 296 -14.50 -0.23 15.09
CA VAL A 296 -13.19 -0.31 15.73
C VAL A 296 -12.42 -1.50 15.20
N ASN A 297 -13.03 -2.67 15.28
CA ASN A 297 -12.38 -3.92 14.90
C ASN A 297 -11.88 -3.93 13.45
N GLN A 298 -12.41 -3.04 12.63
CA GLN A 298 -11.98 -2.97 11.24
C GLN A 298 -10.76 -2.10 11.12
N CYS A 299 -10.74 -0.99 11.86
CA CYS A 299 -9.60 -0.08 11.86
C CYS A 299 -8.34 -0.77 12.35
N ILE A 300 -8.50 -1.55 13.42
CA ILE A 300 -7.41 -2.33 13.98
C ILE A 300 -6.94 -3.42 13.01
N LEU A 301 -7.85 -3.96 12.22
CA LEU A 301 -7.44 -4.87 11.15
C LEU A 301 -6.82 -4.07 10.01
N GLU A 302 -7.48 -3.01 9.57
CA GLU A 302 -6.93 -2.16 8.52
C GLU A 302 -5.59 -1.51 8.87
N MET A 303 -5.33 -1.33 10.17
CA MET A 303 -4.08 -0.73 10.62
C MET A 303 -2.95 -1.75 10.65
N LEU A 304 -3.31 -3.01 10.88
CA LEU A 304 -2.32 -4.10 10.89
C LEU A 304 -1.91 -4.54 9.47
N ILE A 305 -2.87 -4.89 8.63
CA ILE A 305 -2.58 -5.40 7.30
C ILE A 305 -1.80 -4.43 6.40
N ALA A 306 -1.98 -3.12 6.60
CA ALA A 306 -1.43 -2.09 5.71
C ALA A 306 0.07 -2.20 5.40
N ALA A 307 0.89 -2.19 6.45
CA ALA A 307 2.33 -2.29 6.27
C ALA A 307 2.76 -3.64 5.66
N PRO A 308 2.38 -4.79 6.28
CA PRO A 308 2.74 -6.06 5.66
C PRO A 308 2.29 -6.14 4.22
N ASP A 309 1.08 -5.69 3.94
CA ASP A 309 0.57 -5.68 2.57
C ASP A 309 1.52 -5.02 1.60
N THR A 310 1.89 -3.78 1.90
CA THR A 310 2.48 -2.92 0.90
C THR A 310 3.98 -2.66 1.12
N MET A 311 4.41 -2.49 2.36
CA MET A 311 5.81 -2.17 2.65
C MET A 311 6.70 -3.32 2.28
N SER A 312 6.21 -4.53 2.58
CA SER A 312 6.94 -5.74 2.22
C SER A 312 7.14 -5.81 0.71
N VAL A 313 6.07 -5.74 -0.06
CA VAL A 313 6.18 -5.77 -1.52
C VAL A 313 7.06 -4.62 -2.06
N SER A 314 6.91 -3.42 -1.51
CA SER A 314 7.71 -2.27 -1.94
C SER A 314 9.19 -2.44 -1.67
N LEU A 315 9.54 -2.79 -0.43
CA LEU A 315 10.94 -3.00 -0.07
C LEU A 315 11.56 -4.13 -0.84
N PHE A 316 10.75 -5.14 -1.14
CA PHE A 316 11.17 -6.27 -1.94
C PHE A 316 11.62 -5.84 -3.35
N PHE A 317 10.85 -4.97 -3.99
CA PHE A 317 11.26 -4.38 -5.27
C PHE A 317 12.55 -3.59 -5.16
N MET A 318 12.64 -2.69 -4.19
CA MET A 318 13.88 -1.95 -3.92
C MET A 318 15.07 -2.88 -3.71
N LEU A 319 14.82 -4.08 -3.21
CA LEU A 319 15.89 -5.04 -3.01
C LEU A 319 16.43 -5.67 -4.31
N PHE A 320 15.54 -5.95 -5.27
CA PHE A 320 15.96 -6.41 -6.58
C PHE A 320 16.57 -5.26 -7.38
N LEU A 321 16.36 -4.04 -6.90
CA LEU A 321 16.90 -2.87 -7.55
C LEU A 321 18.30 -2.59 -7.02
N ILE A 322 18.51 -2.76 -5.73
CA ILE A 322 19.83 -2.57 -5.17
C ILE A 322 20.76 -3.69 -5.63
N ALA A 323 20.18 -4.86 -5.83
CA ALA A 323 20.99 -6.04 -6.18
C ALA A 323 21.42 -6.04 -7.64
N LYS A 324 20.82 -5.17 -8.45
CA LYS A 324 21.17 -5.05 -9.87
C LYS A 324 21.76 -3.69 -10.25
N HIS A 325 22.11 -2.88 -9.25
CA HIS A 325 22.70 -1.56 -9.48
C HIS A 325 23.80 -1.30 -8.46
N PRO A 326 25.02 -1.82 -8.72
CA PRO A 326 26.15 -1.77 -7.78
C PRO A 326 26.63 -0.34 -7.54
N ASN A 327 26.71 0.43 -8.63
CA ASN A 327 26.92 1.88 -8.61
C ASN A 327 26.14 2.57 -7.48
N VAL A 328 24.85 2.24 -7.39
CA VAL A 328 23.94 2.85 -6.41
C VAL A 328 24.20 2.32 -5.01
N GLU A 329 24.29 1.01 -4.86
CA GLU A 329 24.43 0.41 -3.54
C GLU A 329 25.74 0.83 -2.84
N GLU A 330 26.71 1.27 -3.64
CA GLU A 330 27.95 1.82 -3.09
C GLU A 330 27.73 3.22 -2.49
N ALA A 331 27.01 4.06 -3.22
CA ALA A 331 26.67 5.41 -2.77
C ALA A 331 25.96 5.40 -1.42
N ILE A 332 25.02 4.45 -1.29
CA ILE A 332 24.23 4.27 -0.07
C ILE A 332 25.08 3.83 1.14
N ILE A 333 25.93 2.83 0.94
CA ILE A 333 26.78 2.33 2.02
C ILE A 333 27.73 3.42 2.54
N LYS A 334 28.29 4.18 1.61
CA LYS A 334 29.17 5.31 1.96
C LYS A 334 28.38 6.30 2.81
N GLU A 335 27.23 6.73 2.29
CA GLU A 335 26.34 7.62 3.00
C GLU A 335 26.01 7.11 4.41
N ILE A 336 25.86 5.80 4.55
CA ILE A 336 25.54 5.21 5.86
C ILE A 336 26.72 5.33 6.83
N GLN A 337 27.93 5.12 6.33
CA GLN A 337 29.14 5.35 7.14
C GLN A 337 29.29 6.81 7.53
N THR A 338 29.22 7.71 6.54
CA THR A 338 29.31 9.16 6.77
C THR A 338 28.39 9.64 7.89
N VAL A 339 27.13 9.19 7.86
CA VAL A 339 26.12 9.69 8.77
C VAL A 339 26.06 8.90 10.09
N ILE A 340 26.20 7.58 10.01
CA ILE A 340 25.88 6.72 11.16
C ILE A 340 27.05 5.92 11.76
N GLY A 341 27.94 5.39 10.91
CA GLY A 341 29.00 4.49 11.36
C GLY A 341 28.38 3.17 11.82
N GLU A 342 28.85 2.62 12.94
CA GLU A 342 28.12 1.52 13.57
C GLU A 342 27.49 1.94 14.91
N ARG A 343 26.88 3.13 14.88
CA ARG A 343 25.97 3.59 15.91
C ARG A 343 24.62 2.92 15.64
N ASP A 344 23.63 3.22 16.47
CA ASP A 344 22.26 2.83 16.16
C ASP A 344 21.56 3.94 15.35
N ILE A 345 20.54 3.57 14.58
CA ILE A 345 19.77 4.54 13.80
C ILE A 345 18.79 5.31 14.68
N LYS A 346 18.79 6.64 14.55
CA LYS A 346 17.89 7.51 15.32
C LYS A 346 17.17 8.55 14.44
N ILE A 347 16.01 9.02 14.89
CA ILE A 347 15.15 9.94 14.12
C ILE A 347 15.88 11.13 13.45
N ASP A 348 16.74 11.80 14.21
CA ASP A 348 17.53 12.94 13.72
C ASP A 348 18.26 12.61 12.42
N ASP A 349 18.61 11.33 12.24
CA ASP A 349 19.41 10.87 11.11
C ASP A 349 18.69 10.89 9.76
N ILE A 350 17.37 10.67 9.75
CA ILE A 350 16.68 10.35 8.48
C ILE A 350 16.72 11.42 7.40
N GLN A 351 16.78 12.69 7.78
CA GLN A 351 16.87 13.78 6.79
C GLN A 351 18.19 13.73 6.02
N LYS A 352 19.24 13.26 6.70
CA LYS A 352 20.58 13.23 6.16
C LYS A 352 20.79 12.13 5.12
N LEU A 353 20.03 11.04 5.21
CA LEU A 353 20.15 9.93 4.28
C LEU A 353 19.57 10.28 2.92
N LYS A 354 20.06 11.38 2.36
CA LYS A 354 19.51 11.99 1.16
C LYS A 354 19.58 11.10 -0.08
N VAL A 355 20.71 10.42 -0.28
CA VAL A 355 20.84 9.54 -1.43
C VAL A 355 19.90 8.35 -1.36
N MET A 356 19.78 7.75 -0.18
CA MET A 356 18.80 6.69 0.00
C MET A 356 17.39 7.22 -0.22
N GLU A 357 17.13 8.42 0.28
CA GLU A 357 15.85 9.05 0.09
C GLU A 357 15.50 9.12 -1.40
N ASN A 358 16.49 9.44 -2.23
CA ASN A 358 16.25 9.51 -3.65
C ASN A 358 16.07 8.15 -4.28
N PHE A 359 16.73 7.15 -3.67
CA PHE A 359 16.58 5.76 -4.10
C PHE A 359 15.17 5.23 -3.88
N ILE A 360 14.60 5.49 -2.71
CA ILE A 360 13.25 5.03 -2.43
C ILE A 360 12.28 5.68 -3.41
N TYR A 361 12.44 7.00 -3.60
CA TYR A 361 11.59 7.75 -4.51
C TYR A 361 11.72 7.28 -5.95
N GLU A 362 12.92 6.93 -6.38
CA GLU A 362 13.12 6.48 -7.75
C GLU A 362 12.65 5.04 -7.94
N SER A 363 12.75 4.23 -6.91
CA SER A 363 12.26 2.86 -6.99
C SER A 363 10.75 2.86 -7.05
N MET A 364 10.12 3.70 -6.22
CA MET A 364 8.67 3.85 -6.25
C MET A 364 8.13 4.43 -7.54
N ARG A 365 8.92 5.29 -8.18
CA ARG A 365 8.53 5.92 -9.44
C ARG A 365 8.64 4.91 -10.57
N TYR A 366 9.83 4.31 -10.70
CA TYR A 366 10.14 3.36 -11.79
C TYR A 366 9.43 2.01 -11.68
N GLN A 367 9.37 1.45 -10.47
CA GLN A 367 8.75 0.15 -10.22
C GLN A 367 7.76 0.19 -9.05
N PRO A 368 6.61 0.89 -9.22
CA PRO A 368 5.70 1.08 -8.10
C PRO A 368 5.01 -0.20 -7.68
N VAL A 369 4.42 -0.19 -6.49
CA VAL A 369 3.51 -1.25 -6.08
C VAL A 369 2.09 -0.72 -6.20
N VAL A 370 1.85 0.44 -5.59
CA VAL A 370 0.57 1.14 -5.73
C VAL A 370 0.67 2.09 -6.91
N ASP A 371 0.09 1.65 -8.02
CA ASP A 371 0.26 2.33 -9.29
C ASP A 371 -1.01 3.05 -9.71
N LEU A 372 -2.10 2.77 -9.00
CA LEU A 372 -3.38 3.41 -9.28
C LEU A 372 -4.20 3.66 -8.03
N VAL A 373 -4.86 4.81 -8.01
CA VAL A 373 -5.67 5.26 -6.90
C VAL A 373 -7.11 5.37 -7.39
N MET A 374 -8.04 4.78 -6.64
CA MET A 374 -9.46 4.87 -6.98
C MET A 374 -10.14 5.95 -6.15
N ARG A 375 -10.70 6.96 -6.81
CA ARG A 375 -11.54 7.97 -6.16
C ARG A 375 -12.94 7.97 -6.79
N LYS A 376 -13.77 8.90 -6.36
CA LYS A 376 -15.15 9.04 -6.84
C LYS A 376 -15.53 10.50 -6.65
N ALA A 377 -16.30 11.04 -7.59
CA ALA A 377 -16.70 12.43 -7.53
C ALA A 377 -17.94 12.61 -6.64
N LEU A 378 -17.95 13.66 -5.83
CA LEU A 378 -19.07 13.91 -4.92
C LEU A 378 -19.93 15.13 -5.31
N GLU A 379 -19.28 16.18 -5.81
CA GLU A 379 -19.99 17.29 -6.44
C GLU A 379 -19.61 17.34 -7.91
N ASP A 380 -20.52 17.79 -8.76
CA ASP A 380 -20.20 17.97 -10.17
C ASP A 380 -19.07 18.97 -10.32
N ASP A 381 -18.31 18.85 -11.40
CA ASP A 381 -17.20 19.76 -11.65
C ASP A 381 -16.74 19.64 -13.09
N VAL A 382 -16.21 20.74 -13.62
CA VAL A 382 -15.41 20.70 -14.84
C VAL A 382 -13.95 20.50 -14.45
N ILE A 383 -13.28 19.58 -15.14
CA ILE A 383 -11.87 19.32 -14.84
C ILE A 383 -11.07 19.06 -16.13
N ASP A 384 -10.17 19.99 -16.42
CA ASP A 384 -9.43 20.06 -17.70
C ASP A 384 -10.31 20.18 -18.93
N GLY A 385 -11.38 20.97 -18.82
CA GLY A 385 -12.32 21.16 -19.91
C GLY A 385 -13.38 20.08 -20.05
N TYR A 386 -13.24 19.00 -19.28
CA TYR A 386 -14.20 17.88 -19.33
C TYR A 386 -15.24 17.98 -18.20
N PRO A 387 -16.50 17.62 -18.50
CA PRO A 387 -17.53 17.55 -17.46
C PRO A 387 -17.51 16.20 -16.73
N VAL A 388 -17.64 16.23 -15.41
CA VAL A 388 -17.66 14.99 -14.63
C VAL A 388 -18.75 15.02 -13.58
N LYS A 389 -19.82 14.26 -13.82
CA LYS A 389 -20.96 14.25 -12.91
C LYS A 389 -20.64 13.62 -11.56
N LYS A 390 -21.33 14.03 -10.50
CA LYS A 390 -21.16 13.38 -9.20
C LYS A 390 -21.60 11.93 -9.32
N GLY A 391 -20.86 11.06 -8.68
CA GLY A 391 -21.09 9.62 -8.78
C GLY A 391 -20.15 8.96 -9.78
N THR A 392 -19.39 9.78 -10.52
CA THR A 392 -18.44 9.25 -11.49
C THR A 392 -17.24 8.65 -10.78
N ASN A 393 -16.97 7.38 -11.07
CA ASN A 393 -15.81 6.73 -10.52
C ASN A 393 -14.58 7.28 -11.22
N ILE A 394 -13.48 7.41 -10.48
CA ILE A 394 -12.21 7.86 -11.06
C ILE A 394 -11.11 6.85 -10.73
N ILE A 395 -10.25 6.56 -11.70
CA ILE A 395 -9.03 5.80 -11.40
C ILE A 395 -7.84 6.60 -11.85
N LEU A 396 -7.07 7.10 -10.90
CA LEU A 396 -5.85 7.85 -11.20
C LEU A 396 -4.69 6.90 -11.43
N ASN A 397 -4.11 6.95 -12.62
CA ASN A 397 -3.07 6.02 -13.02
C ASN A 397 -1.69 6.57 -12.71
N ILE A 398 -1.40 6.80 -11.44
CA ILE A 398 -0.17 7.48 -11.03
C ILE A 398 1.08 6.78 -11.56
N GLY A 399 0.95 5.49 -11.84
CA GLY A 399 2.08 4.68 -12.31
C GLY A 399 2.50 4.99 -13.73
N ARG A 400 1.54 5.39 -14.55
CA ARG A 400 1.77 5.77 -15.94
C ARG A 400 2.16 7.23 -16.04
N MET A 401 1.48 8.03 -15.23
CA MET A 401 1.74 9.46 -15.10
C MET A 401 3.20 9.73 -14.70
N HIS A 402 3.84 8.79 -14.00
CA HIS A 402 5.23 8.97 -13.62
C HIS A 402 6.21 8.65 -14.73
N ARG A 403 5.68 8.33 -15.91
CA ARG A 403 6.51 8.05 -17.08
C ARG A 403 6.22 8.96 -18.26
N LEU A 404 5.07 9.62 -18.22
CA LEU A 404 4.63 10.50 -19.30
C LEU A 404 4.92 11.97 -19.05
N GLU A 405 5.11 12.35 -17.78
CA GLU A 405 5.22 13.75 -17.39
C GLU A 405 6.56 14.05 -16.74
N PHE A 406 6.82 15.33 -16.51
CA PHE A 406 8.01 15.88 -15.82
C PHE A 406 9.38 15.24 -16.07
N PHE A 407 9.56 14.00 -15.60
CA PHE A 407 10.89 13.40 -15.45
C PHE A 407 11.74 13.36 -16.71
N PRO A 408 13.05 13.64 -16.56
CA PRO A 408 14.07 13.63 -17.62
C PRO A 408 14.20 12.28 -18.33
N LYS A 409 14.66 11.26 -17.63
CA LYS A 409 14.82 9.93 -18.22
C LYS A 409 13.77 9.00 -17.61
N PRO A 410 12.55 9.03 -18.16
CA PRO A 410 11.41 8.43 -17.48
C PRO A 410 11.39 6.89 -17.48
N ASN A 411 11.91 6.27 -18.53
CA ASN A 411 11.75 4.83 -18.71
C ASN A 411 12.94 3.98 -18.34
N GLU A 412 13.97 4.61 -17.76
CA GLU A 412 15.08 3.88 -17.18
C GLU A 412 15.23 4.21 -15.70
N PHE A 413 15.65 3.23 -14.92
CA PHE A 413 15.83 3.44 -13.50
C PHE A 413 17.18 4.12 -13.21
N THR A 414 17.15 5.39 -12.82
CA THR A 414 18.38 6.14 -12.48
C THR A 414 18.11 7.15 -11.39
N LEU A 415 19.02 7.25 -10.42
CA LEU A 415 18.90 8.30 -9.41
C LEU A 415 19.11 9.68 -10.04
N GLU A 416 19.09 9.70 -11.38
CA GLU A 416 19.23 10.93 -12.14
C GLU A 416 17.93 11.73 -12.15
N ASN A 417 16.80 11.03 -12.16
CA ASN A 417 15.49 11.68 -12.21
C ASN A 417 15.20 12.56 -11.00
N PHE A 418 15.93 12.31 -9.92
CA PHE A 418 15.72 13.00 -8.67
C PHE A 418 16.96 13.78 -8.25
N ALA A 419 17.73 14.24 -9.23
CA ALA A 419 18.87 15.12 -8.95
C ALA A 419 18.44 16.58 -8.96
N LYS A 420 17.17 16.82 -9.27
CA LYS A 420 16.66 18.16 -9.49
C LYS A 420 15.32 18.40 -8.78
N ASN A 421 15.30 18.20 -7.46
CA ASN A 421 14.14 18.53 -6.59
C ASN A 421 12.74 18.49 -7.25
N VAL A 422 12.08 17.34 -7.14
CA VAL A 422 10.78 17.11 -7.82
C VAL A 422 9.56 17.79 -7.17
N PRO A 423 8.89 18.67 -7.94
CA PRO A 423 7.73 19.50 -7.60
C PRO A 423 6.58 18.87 -6.78
N TYR A 424 6.50 17.54 -6.68
CA TYR A 424 5.38 16.87 -5.97
C TYR A 424 4.01 17.07 -6.63
N ARG A 425 3.91 18.03 -7.55
CA ARG A 425 2.73 18.11 -8.38
C ARG A 425 2.94 17.29 -9.64
N TYR A 426 4.17 16.80 -9.82
CA TYR A 426 4.47 15.92 -10.94
C TYR A 426 4.83 14.51 -10.48
N PHE A 427 5.01 14.36 -9.17
CA PHE A 427 5.36 13.07 -8.58
C PHE A 427 4.58 12.81 -7.30
N GLN A 428 3.43 12.16 -7.45
CA GLN A 428 2.59 11.79 -6.34
C GLN A 428 2.54 10.28 -6.13
N PRO A 429 3.45 9.74 -5.31
CA PRO A 429 3.52 8.31 -5.08
C PRO A 429 2.67 7.83 -3.91
N PHE A 430 2.34 8.76 -3.02
CA PHE A 430 1.52 8.51 -1.85
C PHE A 430 0.14 9.13 -1.97
N GLY A 431 0.03 10.15 -2.81
CA GLY A 431 -1.17 10.98 -2.85
C GLY A 431 -1.02 12.13 -1.88
N PHE A 432 -2.02 13.00 -1.79
CA PHE A 432 -2.05 14.09 -0.80
C PHE A 432 -3.46 14.68 -0.59
N GLY A 433 -3.51 15.84 0.05
CA GLY A 433 -4.78 16.51 0.25
C GLY A 433 -5.56 15.80 1.32
N PRO A 434 -6.89 15.91 1.31
CA PRO A 434 -7.65 15.40 2.46
C PRO A 434 -7.71 13.87 2.53
N ARG A 435 -7.32 13.18 1.46
CA ARG A 435 -7.34 11.72 1.44
C ARG A 435 -6.10 11.09 0.81
N GLY A 436 -4.94 11.68 1.08
CA GLY A 436 -3.66 11.11 0.66
C GLY A 436 -3.38 9.89 1.51
N CYS A 437 -2.27 9.22 1.25
CA CYS A 437 -1.86 8.12 2.12
C CYS A 437 -1.70 8.63 3.55
N ALA A 438 -2.28 7.90 4.49
CA ALA A 438 -2.18 8.27 5.90
C ALA A 438 -0.81 7.85 6.43
N GLY A 439 -0.26 6.79 5.83
CA GLY A 439 1.05 6.32 6.23
C GLY A 439 2.15 7.04 5.51
N LYS A 440 1.79 8.00 4.66
CA LYS A 440 2.76 8.58 3.71
C LYS A 440 4.06 9.05 4.37
N TYR A 441 3.98 9.54 5.60
CA TYR A 441 5.17 10.01 6.28
C TYR A 441 5.87 8.87 7.00
N ILE A 442 5.14 8.18 7.87
CA ILE A 442 5.72 7.05 8.59
C ILE A 442 6.41 6.07 7.64
N ALA A 443 5.84 5.83 6.47
CA ALA A 443 6.36 4.85 5.51
C ALA A 443 7.77 5.23 5.08
N MET A 444 7.91 6.46 4.60
CA MET A 444 9.20 7.03 4.23
C MET A 444 10.26 6.82 5.30
N VAL A 445 9.85 6.79 6.56
CA VAL A 445 10.75 6.48 7.66
C VAL A 445 11.07 5.00 7.66
N MET A 446 10.04 4.17 7.75
CA MET A 446 10.21 2.73 7.93
C MET A 446 11.08 2.13 6.84
N MET A 447 10.87 2.58 5.60
CA MET A 447 11.70 2.14 4.50
C MET A 447 13.15 2.54 4.75
N LYS A 448 13.39 3.83 4.96
CA LYS A 448 14.73 4.32 5.29
C LYS A 448 15.40 3.45 6.35
N ALA A 449 14.69 3.20 7.44
CA ALA A 449 15.22 2.46 8.57
C ALA A 449 15.52 1.00 8.25
N ILE A 450 14.56 0.29 7.65
CA ILE A 450 14.80 -1.13 7.39
C ILE A 450 15.78 -1.35 6.23
N LEU A 451 15.82 -0.40 5.29
CA LEU A 451 16.85 -0.42 4.26
C LEU A 451 18.22 -0.20 4.86
N VAL A 452 18.34 0.79 5.74
CA VAL A 452 19.61 1.00 6.43
C VAL A 452 20.01 -0.30 7.12
N THR A 453 19.24 -0.73 8.12
CA THR A 453 19.69 -1.84 8.94
C THR A 453 19.97 -3.15 8.19
N LEU A 454 19.36 -3.31 7.01
CA LEU A 454 19.61 -4.47 6.16
C LEU A 454 20.93 -4.27 5.44
N LEU A 455 20.96 -3.31 4.49
CA LEU A 455 22.15 -3.04 3.68
C LEU A 455 23.42 -2.83 4.52
N ARG A 456 23.21 -2.25 5.70
CA ARG A 456 24.25 -2.05 6.71
C ARG A 456 24.99 -3.33 7.08
N ARG A 457 24.40 -4.49 6.77
CA ARG A 457 24.89 -5.76 7.30
C ARG A 457 25.00 -6.90 6.29
N PHE A 458 24.28 -6.81 5.17
CA PHE A 458 24.32 -7.86 4.13
C PHE A 458 24.44 -7.31 2.72
N HIS A 459 25.22 -7.99 1.88
CA HIS A 459 25.18 -7.76 0.43
C HIS A 459 23.99 -8.57 -0.08
N VAL A 460 23.26 -8.04 -1.06
CA VAL A 460 22.12 -8.79 -1.59
C VAL A 460 22.30 -9.20 -3.05
N LYS A 461 21.98 -10.46 -3.32
CA LYS A 461 22.10 -11.04 -4.64
C LYS A 461 20.78 -11.61 -5.11
N THR A 462 20.60 -11.56 -6.42
CA THR A 462 19.39 -12.02 -7.07
C THR A 462 19.67 -13.32 -7.85
N LEU A 463 18.99 -14.40 -7.46
CA LEU A 463 19.13 -15.71 -8.12
C LEU A 463 19.16 -15.67 -9.65
N GLN A 464 20.29 -16.06 -10.24
CA GLN A 464 20.42 -16.16 -11.71
C GLN A 464 20.13 -14.84 -12.44
N GLY A 465 19.44 -14.93 -13.56
CA GLY A 465 19.23 -13.75 -14.42
C GLY A 465 18.23 -12.72 -13.89
N GLN A 466 17.56 -13.06 -12.80
CA GLN A 466 16.42 -12.29 -12.29
C GLN A 466 16.69 -10.81 -12.00
N CYS A 467 15.63 -10.02 -12.12
CA CYS A 467 15.64 -8.57 -11.85
C CYS A 467 14.21 -8.04 -12.00
N VAL A 468 13.93 -6.93 -11.32
CA VAL A 468 12.62 -6.29 -11.35
C VAL A 468 11.83 -6.41 -12.65
N GLU A 469 12.50 -6.22 -13.78
CA GLU A 469 11.85 -6.25 -15.10
C GLU A 469 11.51 -7.67 -15.54
N SER A 470 12.43 -8.60 -15.29
CA SER A 470 12.23 -10.00 -15.66
C SER A 470 11.35 -10.78 -14.68
N ILE A 471 11.00 -10.16 -13.56
CA ILE A 471 10.09 -10.76 -12.57
C ILE A 471 8.69 -10.76 -13.18
N GLN A 472 7.95 -11.83 -12.92
CA GLN A 472 6.60 -11.93 -13.46
C GLN A 472 5.60 -11.34 -12.47
N LYS A 473 4.78 -10.41 -12.94
CA LYS A 473 3.90 -9.67 -12.05
C LYS A 473 2.41 -9.89 -12.29
N ILE A 474 1.63 -9.76 -11.22
CA ILE A 474 0.18 -9.64 -11.30
C ILE A 474 -0.12 -8.15 -11.23
N HIS A 475 -0.97 -7.68 -12.13
CA HIS A 475 -1.28 -6.26 -12.17
C HIS A 475 -2.76 -6.01 -11.91
N ASP A 476 -3.17 -6.23 -10.67
CA ASP A 476 -4.57 -6.13 -10.31
C ASP A 476 -4.84 -4.88 -9.47
N LEU A 477 -5.13 -5.06 -8.18
CA LEU A 477 -5.38 -3.94 -7.29
C LEU A 477 -4.09 -3.15 -7.11
N SER A 478 -3.02 -3.87 -6.81
CA SER A 478 -1.69 -3.30 -6.73
C SER A 478 -0.88 -3.80 -7.92
N LEU A 479 0.43 -3.77 -7.79
CA LEU A 479 1.34 -4.30 -8.79
C LEU A 479 2.41 -5.07 -8.02
N HIS A 480 2.14 -6.34 -7.75
CA HIS A 480 2.98 -7.16 -6.89
C HIS A 480 3.47 -8.41 -7.62
N PRO A 481 4.50 -9.09 -7.09
CA PRO A 481 5.00 -10.30 -7.71
C PRO A 481 3.98 -11.42 -7.73
N ASP A 482 3.99 -12.22 -8.80
CA ASP A 482 3.19 -13.44 -8.91
C ASP A 482 3.85 -14.52 -8.05
N GLU A 483 3.21 -14.82 -6.93
CA GLU A 483 3.82 -15.63 -5.89
C GLU A 483 3.78 -17.13 -6.17
N THR A 484 2.99 -17.53 -7.15
CA THR A 484 2.93 -18.94 -7.57
C THR A 484 4.09 -19.33 -8.50
N LYS A 485 4.59 -18.37 -9.28
CA LYS A 485 5.88 -18.54 -9.94
C LYS A 485 6.98 -18.55 -8.88
N ASN A 486 8.14 -19.10 -9.23
CA ASN A 486 9.26 -19.14 -8.29
C ASN A 486 10.39 -18.16 -8.68
N MET A 487 11.58 -18.38 -8.14
CA MET A 487 12.77 -17.56 -8.45
C MET A 487 12.70 -16.15 -7.81
N LEU A 488 11.86 -16.04 -6.79
CA LEU A 488 11.64 -14.77 -6.10
C LEU A 488 12.56 -14.62 -4.89
N GLU A 489 13.44 -15.59 -4.70
CA GLU A 489 14.31 -15.61 -3.54
C GLU A 489 15.50 -14.67 -3.72
N MET A 490 16.23 -14.40 -2.62
CA MET A 490 17.47 -13.61 -2.65
C MET A 490 18.55 -14.28 -1.81
N ILE A 491 19.79 -13.85 -1.96
CA ILE A 491 20.91 -14.42 -1.20
C ILE A 491 21.63 -13.37 -0.36
N PHE A 492 21.67 -13.59 0.94
CA PHE A 492 22.15 -12.59 1.89
C PHE A 492 23.58 -12.87 2.35
N THR A 493 24.52 -12.63 1.45
CA THR A 493 25.94 -12.80 1.76
C THR A 493 26.45 -11.62 2.62
N PRO A 494 27.03 -11.91 3.81
CA PRO A 494 27.46 -10.91 4.82
C PRO A 494 28.35 -9.77 4.32
N ARG A 495 28.79 -8.90 5.22
CA ARG A 495 29.50 -7.67 4.84
C ARG A 495 30.51 -7.27 5.92
N ASN A 496 31.68 -6.78 5.48
CA ASN A 496 32.75 -6.28 6.38
C ASN A 496 33.28 -7.37 7.34
#